data_4KZI
#
_entry.id   4KZI
#
_cell.length_a   74.723
_cell.length_b   76.512
_cell.length_c   128.918
_cell.angle_alpha   90.000
_cell.angle_beta   90.000
_cell.angle_gamma   90.000
#
_symmetry.space_group_name_H-M   'P 21 21 21'
#
loop_
_entity.id
_entity.type
_entity.pdbx_description
1 polymer 'Nuclear receptor subfamily 4 group A member 1'
2 non-polymer GLYCEROL
3 non-polymer 1-(3,5-dimethoxyphenyl)decan-1-one
4 water water
#
_entity_poly.entity_id   1
_entity_poly.type   'polypeptide(L)'
_entity_poly.pdbx_seq_one_letter_code
;MSKPKQPPDASPANLLTSLVRAHLDSGPSTAKLDYSKFQELVLPHFGKEDAGDVQQFYDLLSGSLEVIRKWAEKIPGFAE
LSPADQDLLLESAFLELFILRLAYRSKPGEGKLIFCSGLVLHRLQCARGFGDWIDSILAFSRSLHSLLVDVPAFACLSAL
VLITDRHGLQEPRRVEELQNRIASCLKEHVAAVAGEPQPASCLSRLLGKLPELRTLCTQGLQRIFYLKLEDLVPPPPIID
KIFMDTLPFLEHHHHHH
;
_entity_poly.pdbx_strand_id   B,A
#
# COMPACT_ATOMS: atom_id res chain seq x y z
N PRO A 12 42.84 -1.58 2.50
CA PRO A 12 41.94 -2.61 1.98
C PRO A 12 41.25 -3.71 2.89
N ALA A 13 41.39 -3.76 4.24
CA ALA A 13 42.49 -3.19 5.06
C ALA A 13 42.24 -1.83 5.73
N ASN A 14 42.83 -0.81 5.11
CA ASN A 14 42.48 0.56 5.38
C ASN A 14 41.07 0.91 4.87
N LEU A 15 40.56 0.22 3.84
CA LEU A 15 39.16 0.37 3.40
C LEU A 15 38.22 -0.03 4.56
N LEU A 16 38.38 -1.27 5.03
CA LEU A 16 37.63 -1.77 6.15
C LEU A 16 37.60 -0.75 7.30
N THR A 17 38.76 -0.24 7.68
CA THR A 17 38.88 0.79 8.74
C THR A 17 38.14 2.07 8.42
N SER A 18 38.17 2.50 7.16
CA SER A 18 37.44 3.69 6.78
C SER A 18 35.95 3.47 6.88
N LEU A 19 35.52 2.29 6.45
CA LEU A 19 34.09 1.94 6.53
C LEU A 19 33.65 1.89 7.98
N VAL A 20 34.50 1.32 8.84
CA VAL A 20 34.17 1.22 10.28
C VAL A 20 34.09 2.59 10.91
N ARG A 21 35.05 3.45 10.60
CA ARG A 21 35.04 4.82 11.16
C ARG A 21 33.82 5.57 10.70
N ALA A 22 33.42 5.37 9.44
CA ALA A 22 32.26 6.08 8.89
C ALA A 22 30.96 5.59 9.55
N HIS A 23 30.81 4.29 9.70
CA HIS A 23 29.70 3.77 10.46
C HIS A 23 29.61 4.33 11.90
N LEU A 24 30.63 4.11 12.69
CA LEU A 24 30.62 4.56 14.09
C LEU A 24 30.41 6.05 14.25
N ASP A 25 30.93 6.87 13.36
CA ASP A 25 30.73 8.34 13.49
C ASP A 25 29.33 8.79 13.09
N SER A 26 28.53 7.90 12.48
CA SER A 26 27.20 8.29 11.96
C SER A 26 26.03 7.97 12.92
N GLY A 27 26.34 7.55 14.13
CA GLY A 27 25.29 7.20 15.07
C GLY A 27 25.71 7.60 16.48
N PRO A 28 24.80 7.54 17.43
CA PRO A 28 25.05 8.04 18.76
C PRO A 28 25.95 7.12 19.54
N SER A 29 26.79 7.71 20.36
CA SER A 29 27.52 7.01 21.40
C SER A 29 26.53 6.42 22.40
N THR A 30 26.84 5.24 22.93
CA THR A 30 26.01 4.65 23.95
C THR A 30 25.87 5.62 25.15
N ALA A 31 26.77 6.60 25.30
CA ALA A 31 26.52 7.75 26.22
C ALA A 31 25.63 8.91 25.70
N LYS A 32 25.17 8.90 24.45
CA LYS A 32 24.33 10.01 23.92
C LYS A 32 22.89 9.54 23.69
N LEU A 33 22.61 8.34 24.18
CA LEU A 33 21.27 7.82 24.15
C LEU A 33 20.35 8.70 25.03
N ASP A 34 19.23 9.11 24.44
CA ASP A 34 18.23 9.95 25.06
C ASP A 34 16.94 9.13 25.34
N TYR A 35 16.72 8.90 26.60
CA TYR A 35 15.56 8.18 27.09
C TYR A 35 14.49 9.08 27.66
N SER A 36 14.61 10.40 27.45
CA SER A 36 13.63 11.36 28.09
C SER A 36 12.20 11.24 27.56
N LYS A 37 11.99 10.59 26.41
CA LYS A 37 10.63 10.46 25.87
C LYS A 37 10.15 9.04 25.92
N PHE A 38 11.04 8.11 26.22
CA PHE A 38 10.71 6.70 26.23
C PHE A 38 9.64 6.41 27.28
N GLN A 39 8.61 5.69 26.87
CA GLN A 39 7.53 5.19 27.75
C GLN A 39 7.09 3.85 27.20
N GLU A 40 7.28 2.77 27.94
CA GLU A 40 6.82 1.42 27.49
C GLU A 40 5.32 1.22 27.53
N LEU A 41 4.61 2.10 28.21
CA LEU A 41 3.17 1.98 28.44
C LEU A 41 2.46 3.13 27.77
N VAL A 42 1.34 2.87 27.10
CA VAL A 42 0.68 3.94 26.36
C VAL A 42 -0.85 3.83 26.42
N LEU A 43 -1.51 4.97 26.28
CA LEU A 43 -2.84 5.14 26.76
C LEU A 43 -3.65 6.09 25.94
N PRO A 44 -4.68 5.54 25.33
CA PRO A 44 -4.81 4.25 24.66
C PRO A 44 -5.49 4.45 23.29
N HIS A 45 -4.88 3.90 22.24
CA HIS A 45 -5.25 4.23 20.86
C HIS A 45 -5.29 5.75 20.63
N LYS A 48 -7.39 5.38 15.09
CA LYS A 48 -6.59 5.61 13.87
C LYS A 48 -5.53 6.65 14.19
N GLU A 49 -4.37 6.57 13.54
CA GLU A 49 -3.29 7.57 13.74
C GLU A 49 -3.79 9.00 13.75
N ASP A 50 -3.08 9.88 14.43
CA ASP A 50 -3.37 11.32 14.36
C ASP A 50 -2.14 12.12 13.88
N ALA A 51 -2.33 13.43 13.79
CA ALA A 51 -1.33 14.33 13.22
C ALA A 51 0.02 14.25 13.93
N GLY A 52 0.02 14.08 15.25
CA GLY A 52 1.26 14.02 16.04
C GLY A 52 2.04 12.76 15.76
N ASP A 53 1.33 11.67 15.52
CA ASP A 53 1.95 10.42 15.07
C ASP A 53 2.51 10.49 13.64
N VAL A 54 1.79 11.12 12.71
CA VAL A 54 2.32 11.25 11.37
C VAL A 54 3.54 12.22 11.31
N GLN A 55 3.45 13.32 12.03
CA GLN A 55 4.57 14.27 12.05
C GLN A 55 5.85 13.63 12.62
N GLN A 56 5.73 12.87 13.70
CA GLN A 56 6.88 12.18 14.29
C GLN A 56 7.49 11.14 13.27
N PHE A 57 6.64 10.35 12.63
CA PHE A 57 7.10 9.42 11.59
C PHE A 57 7.98 10.17 10.57
N TYR A 58 7.47 11.24 9.99
CA TYR A 58 8.23 12.02 9.03
C TYR A 58 9.48 12.61 9.63
N ASP A 59 9.37 13.12 10.85
CA ASP A 59 10.53 13.72 11.50
C ASP A 59 11.65 12.72 11.71
N LEU A 60 11.26 11.49 12.08
CA LEU A 60 12.25 10.44 12.30
C LEU A 60 12.98 10.09 11.00
N LEU A 61 12.17 9.93 9.96
CA LEU A 61 12.66 9.71 8.62
C LEU A 61 13.66 10.81 8.23
N SER A 62 13.24 12.05 8.39
CA SER A 62 14.08 13.20 8.00
C SER A 62 15.40 13.26 8.75
N GLY A 63 15.38 12.99 10.03
CA GLY A 63 16.63 13.07 10.79
C GLY A 63 17.75 12.14 10.33
N SER A 64 17.41 11.10 9.58
CA SER A 64 18.43 10.23 8.99
C SER A 64 19.09 10.78 7.70
N LEU A 65 18.43 11.73 7.02
CA LEU A 65 18.82 12.27 5.71
C LEU A 65 20.21 12.78 5.67
N GLU A 66 20.44 13.73 6.57
CA GLU A 66 21.69 14.42 6.64
C GLU A 66 22.71 13.43 7.18
N VAL A 67 22.32 12.56 8.11
CA VAL A 67 23.27 11.63 8.68
C VAL A 67 23.78 10.62 7.66
N ILE A 68 22.89 10.11 6.83
CA ILE A 68 23.26 9.12 5.87
C ILE A 68 24.04 9.75 4.72
N ARG A 69 23.69 10.95 4.34
CA ARG A 69 24.49 11.70 3.34
C ARG A 69 25.94 11.95 3.82
N LYS A 70 26.15 12.31 5.10
CA LYS A 70 27.54 12.48 5.60
C LYS A 70 28.25 11.17 5.75
N TRP A 71 27.51 10.10 6.05
CA TRP A 71 28.13 8.78 6.14
C TRP A 71 28.66 8.35 4.74
N ALA A 72 27.86 8.59 3.71
CA ALA A 72 28.24 8.13 2.36
C ALA A 72 29.49 8.84 1.87
N GLU A 73 29.56 10.16 2.12
CA GLU A 73 30.74 10.95 1.71
C GLU A 73 32.02 10.40 2.32
N LYS A 74 31.96 9.65 3.41
CA LYS A 74 33.18 9.07 3.98
C LYS A 74 33.44 7.66 3.53
N ILE A 75 32.60 7.13 2.63
CA ILE A 75 32.96 5.85 1.99
C ILE A 75 33.99 6.15 0.89
N PRO A 76 35.20 5.60 1.01
CA PRO A 76 36.23 5.95 0.01
C PRO A 76 35.77 5.44 -1.31
N GLY A 77 35.89 6.31 -2.30
CA GLY A 77 35.38 6.00 -3.60
C GLY A 77 34.06 6.68 -3.87
N PHE A 78 33.23 6.86 -2.84
CA PHE A 78 31.88 7.36 -3.10
C PHE A 78 31.89 8.75 -3.68
N ALA A 79 32.74 9.63 -3.14
CA ALA A 79 32.72 11.05 -3.56
C ALA A 79 33.32 11.19 -4.96
N GLU A 80 33.97 10.13 -5.40
CA GLU A 80 34.55 10.04 -6.75
C GLU A 80 33.64 9.42 -7.80
N LEU A 81 32.39 9.10 -7.44
CA LEU A 81 31.32 8.87 -8.41
C LEU A 81 30.76 10.18 -8.92
N SER A 82 30.11 10.15 -10.07
CA SER A 82 29.54 11.40 -10.57
C SER A 82 28.56 11.94 -9.54
N PRO A 83 28.39 13.26 -9.50
CA PRO A 83 27.38 13.83 -8.55
C PRO A 83 25.97 13.28 -8.78
N ALA A 84 25.55 13.15 -10.06
CA ALA A 84 24.23 12.58 -10.36
C ALA A 84 24.06 11.12 -9.89
N ASP A 85 25.14 10.34 -9.95
CA ASP A 85 25.09 8.97 -9.49
C ASP A 85 25.08 8.91 -7.94
N GLN A 86 25.80 9.80 -7.31
CA GLN A 86 25.76 9.95 -5.88
C GLN A 86 24.30 10.16 -5.42
N ASP A 87 23.65 11.16 -5.99
CA ASP A 87 22.29 11.45 -5.54
C ASP A 87 21.30 10.33 -5.83
N LEU A 88 21.44 9.71 -7.00
CA LEU A 88 20.58 8.62 -7.39
C LEU A 88 20.79 7.45 -6.38
N LEU A 89 22.03 7.13 -6.01
CA LEU A 89 22.30 6.07 -5.06
C LEU A 89 21.71 6.37 -3.70
N LEU A 90 21.93 7.60 -3.23
CA LEU A 90 21.49 8.01 -1.89
C LEU A 90 19.98 7.88 -1.85
N GLU A 91 19.36 8.53 -2.80
CA GLU A 91 17.89 8.57 -2.86
C GLU A 91 17.29 7.17 -3.00
N SER A 92 17.93 6.30 -3.79
CA SER A 92 17.31 5.05 -4.06
C SER A 92 17.46 4.11 -2.81
N ALA A 93 18.50 4.31 -1.99
CA ALA A 93 18.86 3.44 -0.89
C ALA A 93 18.39 3.96 0.45
N PHE A 94 17.89 5.17 0.50
CA PHE A 94 17.52 5.83 1.75
C PHE A 94 16.67 4.98 2.71
N LEU A 95 15.56 4.54 2.21
CA LEU A 95 14.65 3.75 3.01
C LEU A 95 15.28 2.50 3.49
N GLU A 96 15.97 1.80 2.61
CA GLU A 96 16.65 0.60 3.04
C GLU A 96 17.76 0.84 4.05
N LEU A 97 18.46 1.95 3.91
CA LEU A 97 19.51 2.24 4.91
C LEU A 97 18.95 2.65 6.24
N PHE A 98 17.89 3.44 6.20
CA PHE A 98 17.18 3.80 7.39
C PHE A 98 16.71 2.53 8.16
N ILE A 99 16.19 1.54 7.44
CA ILE A 99 15.66 0.34 8.05
C ILE A 99 16.83 -0.48 8.58
N LEU A 100 17.88 -0.59 7.79
CA LEU A 100 18.97 -1.49 8.21
C LEU A 100 19.65 -0.96 9.44
N ARG A 101 19.94 0.32 9.45
CA ARG A 101 20.65 0.92 10.57
C ARG A 101 19.76 0.98 11.79
N LEU A 102 18.48 1.19 11.61
CA LEU A 102 17.59 1.19 12.73
C LEU A 102 17.54 -0.24 13.35
N ALA A 103 17.41 -1.26 12.50
CA ALA A 103 17.26 -2.64 12.93
C ALA A 103 18.49 -3.09 13.67
N TYR A 104 19.67 -2.70 13.18
CA TYR A 104 20.92 -3.10 13.80
C TYR A 104 21.12 -2.38 15.15
N ARG A 105 20.70 -1.13 15.21
CA ARG A 105 20.89 -0.30 16.38
C ARG A 105 19.89 -0.62 17.50
N SER A 106 18.74 -1.10 17.13
CA SER A 106 17.66 -1.21 18.05
C SER A 106 17.78 -2.53 18.85
N LYS A 107 16.83 -2.71 19.77
CA LYS A 107 16.85 -3.84 20.72
C LYS A 107 15.49 -4.45 20.66
N PRO A 108 15.31 -5.38 19.75
CA PRO A 108 13.98 -5.90 19.50
C PRO A 108 13.42 -6.83 20.60
N GLY A 109 14.32 -7.44 21.38
CA GLY A 109 13.87 -8.31 22.50
C GLY A 109 13.07 -7.46 23.47
N GLU A 110 13.37 -6.17 23.52
CA GLU A 110 12.72 -5.29 24.48
C GLU A 110 11.74 -4.34 23.84
N GLY A 111 11.41 -4.52 22.58
CA GLY A 111 10.62 -3.50 21.86
C GLY A 111 11.22 -2.10 21.78
N LYS A 112 12.54 -1.96 21.85
CA LYS A 112 13.20 -0.65 21.84
C LYS A 112 13.75 -0.24 20.50
N LEU A 113 13.22 0.87 19.95
CA LEU A 113 13.78 1.51 18.73
C LEU A 113 14.77 2.64 19.12
N ILE A 114 15.95 2.57 18.58
CA ILE A 114 16.94 3.57 18.79
C ILE A 114 17.28 4.27 17.47
N PHE A 115 16.91 5.54 17.37
CA PHE A 115 17.15 6.33 16.18
C PHE A 115 18.53 7.02 16.15
N CYS A 116 18.96 7.49 14.97
CA CYS A 116 20.34 7.92 14.78
C CYS A 116 20.67 9.17 15.59
N SER A 117 19.67 9.99 15.93
CA SER A 117 19.91 11.09 16.89
C SER A 117 20.26 10.57 18.31
N GLY A 118 19.99 9.31 18.62
CA GLY A 118 20.11 8.81 20.02
C GLY A 118 18.78 8.66 20.74
N LEU A 119 17.73 9.20 20.15
CA LEU A 119 16.39 9.12 20.67
C LEU A 119 15.97 7.64 20.76
N VAL A 120 15.51 7.27 21.96
CA VAL A 120 14.99 5.92 22.22
C VAL A 120 13.46 5.93 22.39
N LEU A 121 12.78 5.05 21.69
CA LEU A 121 11.31 4.97 21.73
C LEU A 121 10.87 3.50 21.78
N HIS A 122 9.72 3.27 22.40
CA HIS A 122 9.17 1.95 22.46
C HIS A 122 8.37 1.67 21.20
N ARG A 123 8.33 0.41 20.80
CA ARG A 123 7.55 0.04 19.62
C ARG A 123 6.12 0.61 19.61
N LEU A 124 5.49 0.60 20.75
CA LEU A 124 4.13 1.09 20.87
C LEU A 124 4.00 2.59 20.76
N GLN A 125 5.07 3.33 21.01
CA GLN A 125 5.05 4.76 20.79
C GLN A 125 5.21 5.03 19.27
N CYS A 126 5.64 4.03 18.50
CA CYS A 126 5.79 4.17 17.05
C CYS A 126 4.72 3.57 16.18
N ALA A 127 3.89 2.71 16.75
CA ALA A 127 2.96 1.90 15.96
C ALA A 127 1.98 2.72 15.15
N ARG A 128 1.52 3.80 15.72
CA ARG A 128 0.47 4.58 15.11
C ARG A 128 0.99 5.28 13.85
N GLY A 129 2.20 5.82 13.93
CA GLY A 129 2.83 6.47 12.80
C GLY A 129 3.26 5.52 11.69
N PHE A 130 3.98 4.49 12.11
CA PHE A 130 4.57 3.55 11.17
C PHE A 130 3.63 2.48 10.67
N GLY A 131 2.56 2.18 11.43
CA GLY A 131 1.68 1.00 11.18
C GLY A 131 2.43 -0.30 11.32
N ASP A 132 1.90 -1.36 10.75
CA ASP A 132 2.53 -2.71 10.72
C ASP A 132 4.02 -2.74 10.38
N TRP A 133 4.44 -1.78 9.57
CA TRP A 133 5.80 -1.76 9.09
C TRP A 133 6.82 -1.88 10.23
N ILE A 134 6.54 -1.23 11.38
CA ILE A 134 7.48 -1.30 12.52
C ILE A 134 7.61 -2.70 13.10
N ASP A 135 6.55 -3.48 13.06
CA ASP A 135 6.63 -4.87 13.49
C ASP A 135 7.50 -5.61 12.56
N SER A 136 7.34 -5.37 11.26
CA SER A 136 8.18 -6.08 10.29
C SER A 136 9.61 -5.66 10.40
N ILE A 137 9.83 -4.39 10.72
CA ILE A 137 11.19 -3.94 10.93
C ILE A 137 11.76 -4.66 12.17
N LEU A 138 10.95 -4.82 13.21
CA LEU A 138 11.44 -5.53 14.43
C LEU A 138 11.71 -7.00 14.19
N ALA A 139 10.88 -7.66 13.40
CA ALA A 139 11.15 -9.03 13.00
C ALA A 139 12.48 -9.12 12.34
N PHE A 140 12.74 -8.17 11.42
CA PHE A 140 14.01 -8.14 10.69
C PHE A 140 15.16 -7.89 11.64
N SER A 141 14.94 -7.00 12.59
CA SER A 141 15.97 -6.71 13.56
C SER A 141 16.34 -7.94 14.37
N ARG A 142 15.34 -8.67 14.82
CA ARG A 142 15.60 -9.91 15.58
C ARG A 142 16.38 -10.91 14.73
N SER A 143 15.99 -11.03 13.47
CA SER A 143 16.72 -11.91 12.57
C SER A 143 18.15 -11.41 12.30
N LEU A 144 18.33 -10.12 12.12
CA LEU A 144 19.68 -9.57 11.94
C LEU A 144 20.53 -9.84 13.22
N HIS A 145 19.96 -9.62 14.39
CA HIS A 145 20.65 -9.94 15.65
C HIS A 145 21.08 -11.40 15.80
N SER A 146 20.29 -12.34 15.30
CA SER A 146 20.65 -13.77 15.39
C SER A 146 21.93 -14.08 14.64
N LEU A 147 22.22 -13.32 13.58
CA LEU A 147 23.47 -13.51 12.84
C LEU A 147 24.70 -13.06 13.60
N LEU A 148 24.52 -12.22 14.62
CA LEU A 148 25.66 -11.72 15.35
C LEU A 148 26.60 -11.17 14.29
N VAL A 149 26.14 -10.10 13.66
CA VAL A 149 26.92 -9.43 12.64
C VAL A 149 27.80 -8.47 13.40
N ASP A 150 29.12 -8.61 13.28
CA ASP A 150 30.03 -7.69 13.95
C ASP A 150 30.12 -6.37 13.15
N VAL A 151 30.70 -5.37 13.79
CA VAL A 151 30.68 -4.01 13.28
C VAL A 151 31.38 -3.88 11.92
N PRO A 152 32.56 -4.52 11.74
CA PRO A 152 33.17 -4.39 10.41
C PRO A 152 32.33 -5.02 9.28
N ALA A 153 31.68 -6.12 9.58
CA ALA A 153 30.82 -6.75 8.59
C ALA A 153 29.61 -5.88 8.33
N PHE A 154 29.04 -5.30 9.36
CA PHE A 154 27.92 -4.38 9.16
C PHE A 154 28.32 -3.14 8.39
N ALA A 155 29.54 -2.69 8.64
CA ALA A 155 30.04 -1.49 7.99
C ALA A 155 30.17 -1.73 6.50
N CYS A 156 30.54 -2.95 6.11
CA CYS A 156 30.49 -3.33 4.70
C CYS A 156 29.07 -3.51 4.15
N LEU A 157 28.19 -4.19 4.89
CA LEU A 157 26.87 -4.48 4.35
C LEU A 157 26.12 -3.24 4.02
N SER A 158 26.16 -2.25 4.91
CA SER A 158 25.37 -1.06 4.72
C SER A 158 25.89 -0.32 3.50
N ALA A 159 27.20 -0.33 3.34
CA ALA A 159 27.77 0.31 2.21
C ALA A 159 27.37 -0.39 0.93
N LEU A 160 27.23 -1.72 0.99
CA LEU A 160 26.76 -2.48 -0.17
C LEU A 160 25.31 -2.20 -0.50
N VAL A 161 24.55 -1.77 0.49
CA VAL A 161 23.16 -1.38 0.21
C VAL A 161 23.12 -0.07 -0.63
N LEU A 162 24.07 0.79 -0.38
CA LEU A 162 24.12 2.09 -1.04
C LEU A 162 24.75 1.94 -2.42
N ILE A 163 25.89 1.25 -2.47
CA ILE A 163 26.69 1.15 -3.68
C ILE A 163 26.22 -0.13 -4.39
N THR A 164 25.24 0.03 -5.27
CA THR A 164 24.61 -1.11 -5.96
C THR A 164 24.01 -0.59 -7.25
N ASP A 165 23.79 -1.48 -8.20
CA ASP A 165 23.19 -1.08 -9.44
C ASP A 165 21.80 -0.47 -9.28
N ARG A 166 21.54 0.62 -10.03
CA ARG A 166 20.25 1.26 -10.11
C ARG A 166 20.01 1.70 -11.55
N HIS A 167 18.75 1.66 -11.97
CA HIS A 167 18.36 2.19 -13.27
C HIS A 167 18.70 3.68 -13.32
N GLY A 168 19.42 4.09 -14.38
CA GLY A 168 19.78 5.49 -14.63
C GLY A 168 21.16 5.94 -14.15
N LEU A 169 21.98 5.01 -13.68
CA LEU A 169 23.39 5.34 -13.41
C LEU A 169 24.11 5.81 -14.70
N GLN A 170 24.94 6.83 -14.59
CA GLN A 170 25.75 7.31 -15.69
C GLN A 170 26.94 6.40 -15.88
N GLU A 171 27.49 5.90 -14.78
CA GLU A 171 28.65 5.05 -14.86
C GLU A 171 28.44 3.75 -14.08
N PRO A 172 27.50 2.95 -14.52
CA PRO A 172 27.24 1.68 -13.80
C PRO A 172 28.47 0.79 -13.56
N ARG A 173 29.48 0.84 -14.42
CA ARG A 173 30.66 0.02 -14.19
C ARG A 173 31.53 0.55 -13.03
N ARG A 174 31.60 1.87 -12.85
CA ARG A 174 32.36 2.38 -11.69
C ARG A 174 31.68 2.07 -10.37
N VAL A 175 30.34 2.11 -10.37
CA VAL A 175 29.58 1.71 -9.21
C VAL A 175 29.83 0.26 -8.93
N GLU A 176 29.75 -0.59 -9.96
CA GLU A 176 30.10 -1.99 -9.78
C GLU A 176 31.51 -2.17 -9.26
N GLU A 177 32.45 -1.41 -9.78
CA GLU A 177 33.84 -1.56 -9.35
C GLU A 177 33.94 -1.28 -7.84
N LEU A 178 33.25 -0.23 -7.38
CA LEU A 178 33.29 0.13 -6.00
C LEU A 178 32.56 -0.95 -5.16
N GLN A 179 31.40 -1.41 -5.65
CA GLN A 179 30.73 -2.54 -5.02
C GLN A 179 31.67 -3.73 -4.86
N ASN A 180 32.40 -4.09 -5.92
CA ASN A 180 33.32 -5.24 -5.84
C ASN A 180 34.36 -5.06 -4.78
N ARG A 181 34.96 -3.87 -4.72
CA ARG A 181 35.96 -3.64 -3.65
C ARG A 181 35.37 -3.87 -2.26
N ILE A 182 34.13 -3.40 -2.04
CA ILE A 182 33.58 -3.49 -0.71
C ILE A 182 33.19 -4.94 -0.42
N ALA A 183 32.67 -5.61 -1.44
CA ALA A 183 32.38 -7.06 -1.34
C ALA A 183 33.63 -7.87 -0.97
N SER A 184 34.75 -7.59 -1.63
CA SER A 184 36.00 -8.28 -1.34
C SER A 184 36.44 -8.02 0.08
N CYS A 185 36.36 -6.75 0.49
CA CYS A 185 36.70 -6.36 1.85
C CYS A 185 35.85 -7.16 2.83
N LEU A 186 34.55 -7.26 2.57
CA LEU A 186 33.69 -8.04 3.46
C LEU A 186 34.09 -9.54 3.48
N LYS A 187 34.16 -10.17 2.31
CA LYS A 187 34.53 -11.60 2.14
C LYS A 187 35.76 -11.94 2.96
N GLU A 188 36.82 -11.13 2.75
CA GLU A 188 38.08 -11.28 3.47
C GLU A 188 37.87 -11.18 4.98
N HIS A 189 37.19 -10.13 5.45
CA HIS A 189 36.89 -10.00 6.88
C HIS A 189 36.07 -11.19 7.45
N VAL A 190 35.11 -11.70 6.69
CA VAL A 190 34.30 -12.80 7.17
C VAL A 190 35.09 -14.12 7.21
N ALA A 191 36.20 -14.19 6.48
CA ALA A 191 37.17 -15.29 6.65
C ALA A 191 38.15 -15.06 7.82
N ALA A 192 38.87 -13.93 7.81
CA ALA A 192 39.96 -13.69 8.77
C ALA A 192 39.51 -13.75 10.23
N VAL A 193 38.20 -13.78 10.47
CA VAL A 193 37.65 -13.91 11.81
C VAL A 193 36.89 -15.23 12.11
N ALA A 194 36.41 -15.90 11.08
CA ALA A 194 35.84 -17.26 11.24
C ALA A 194 36.92 -18.38 11.09
N GLY A 195 38.13 -18.03 10.71
CA GLY A 195 39.12 -19.06 10.33
C GLY A 195 38.68 -19.59 8.98
N GLU A 196 39.40 -19.19 7.93
CA GLU A 196 39.10 -19.60 6.53
C GLU A 196 39.03 -21.15 6.39
N PRO A 197 38.80 -21.69 5.16
CA PRO A 197 38.85 -21.03 3.84
C PRO A 197 37.97 -19.79 3.75
N ALA A 200 31.39 -18.59 3.22
CA ALA A 200 30.45 -19.07 2.22
C ALA A 200 29.06 -19.20 2.84
N SER A 201 29.02 -19.78 4.04
CA SER A 201 27.79 -19.93 4.78
C SER A 201 27.45 -18.60 5.45
N CYS A 202 28.30 -18.13 6.37
CA CYS A 202 28.06 -16.85 7.05
C CYS A 202 27.79 -15.78 6.00
N LEU A 203 28.64 -15.75 4.98
CA LEU A 203 28.60 -14.71 3.97
C LEU A 203 27.29 -14.73 3.19
N SER A 204 26.92 -15.90 2.68
CA SER A 204 25.66 -16.02 1.94
C SER A 204 24.45 -15.82 2.87
N ARG A 205 24.59 -16.08 4.17
CA ARG A 205 23.50 -15.76 5.13
C ARG A 205 23.41 -14.25 5.34
N LEU A 206 24.55 -13.58 5.42
CA LEU A 206 24.59 -12.13 5.46
C LEU A 206 24.03 -11.44 4.22
N LEU A 207 24.52 -11.83 3.05
CA LEU A 207 24.02 -11.28 1.80
C LEU A 207 22.56 -11.59 1.60
N GLY A 208 22.08 -12.69 2.17
CA GLY A 208 20.64 -13.00 2.14
C GLY A 208 19.77 -11.96 2.84
N LYS A 209 20.37 -11.08 3.63
CA LYS A 209 19.61 -9.99 4.22
C LYS A 209 19.29 -8.87 3.27
N LEU A 210 20.01 -8.74 2.17
CA LEU A 210 19.69 -7.63 1.26
C LEU A 210 18.34 -7.72 0.53
N PRO A 211 17.97 -8.91 -0.02
CA PRO A 211 16.64 -9.00 -0.65
C PRO A 211 15.56 -8.79 0.34
N GLU A 212 15.73 -9.28 1.57
CA GLU A 212 14.66 -9.06 2.59
C GLU A 212 14.49 -7.55 2.86
N LEU A 213 15.61 -6.83 2.85
CA LEU A 213 15.61 -5.39 3.09
C LEU A 213 14.84 -4.62 1.99
N ARG A 214 15.01 -5.06 0.74
CA ARG A 214 14.18 -4.51 -0.36
C ARG A 214 12.70 -4.72 -0.13
N THR A 215 12.33 -5.94 0.24
CA THR A 215 10.95 -6.20 0.55
C THR A 215 10.47 -5.23 1.64
N LEU A 216 11.24 -5.02 2.70
CA LEU A 216 10.84 -4.00 3.73
C LEU A 216 10.78 -2.57 3.20
N CYS A 217 11.68 -2.22 2.27
CA CYS A 217 11.65 -0.85 1.63
C CYS A 217 10.25 -0.65 1.05
N THR A 218 9.75 -1.67 0.37
CA THR A 218 8.40 -1.63 -0.22
C THR A 218 7.31 -1.40 0.74
N GLN A 219 7.32 -2.12 1.87
CA GLN A 219 6.30 -1.83 2.94
C GLN A 219 6.34 -0.38 3.43
N GLY A 220 7.53 0.22 3.44
CA GLY A 220 7.68 1.64 3.76
C GLY A 220 7.07 2.53 2.72
N LEU A 221 7.30 2.21 1.46
CA LEU A 221 6.66 2.97 0.39
C LEU A 221 5.13 2.87 0.53
N GLN A 222 4.62 1.68 0.91
CA GLN A 222 3.16 1.53 1.11
C GLN A 222 2.65 2.42 2.23
N ARG A 223 3.44 2.55 3.29
CA ARG A 223 2.97 3.33 4.41
C ARG A 223 2.96 4.83 3.99
N ILE A 224 3.99 5.27 3.29
CA ILE A 224 4.03 6.65 2.86
C ILE A 224 2.88 6.88 1.89
N PHE A 225 2.64 5.95 0.97
CA PHE A 225 1.47 6.12 0.09
C PHE A 225 0.22 6.33 0.92
N TYR A 226 0.00 5.45 1.87
CA TYR A 226 -1.22 5.47 2.63
C TYR A 226 -1.33 6.80 3.34
N LEU A 227 -0.23 7.28 3.94
CA LEU A 227 -0.28 8.51 4.71
C LEU A 227 -0.54 9.68 3.77
N LYS A 228 0.01 9.64 2.55
CA LYS A 228 -0.24 10.69 1.58
C LYS A 228 -1.71 10.68 1.14
N LEU A 229 -2.29 9.48 1.04
CA LEU A 229 -3.71 9.36 0.78
C LEU A 229 -4.51 10.04 1.84
N GLU A 230 -4.19 9.75 3.09
CA GLU A 230 -4.99 10.24 4.18
C GLU A 230 -4.75 11.72 4.38
N ASP A 231 -3.53 12.17 4.11
CA ASP A 231 -3.22 13.60 4.06
C ASP A 231 -3.43 14.36 5.35
N LEU A 232 -3.14 13.75 6.51
CA LEU A 232 -3.14 14.45 7.80
C LEU A 232 -2.08 15.52 7.85
N VAL A 233 -0.84 15.17 7.55
CA VAL A 233 0.20 16.17 7.40
C VAL A 233 0.95 15.84 6.13
N PRO A 234 1.36 16.87 5.42
CA PRO A 234 2.11 16.58 4.22
C PRO A 234 3.49 16.01 4.56
N PRO A 235 4.01 15.15 3.69
CA PRO A 235 5.38 14.75 3.90
C PRO A 235 6.36 15.92 3.66
N PRO A 236 7.48 15.92 4.35
CA PRO A 236 8.49 16.89 4.03
C PRO A 236 8.95 16.71 2.57
N PRO A 237 9.29 17.82 1.91
CA PRO A 237 9.52 17.81 0.43
C PRO A 237 10.58 16.81 -0.05
N ILE A 238 11.65 16.67 0.70
CA ILE A 238 12.72 15.73 0.32
C ILE A 238 12.28 14.24 0.42
N ILE A 239 11.50 13.92 1.45
CA ILE A 239 10.96 12.56 1.56
C ILE A 239 10.01 12.34 0.41
N ASP A 240 9.15 13.32 0.20
CA ASP A 240 8.18 13.26 -0.90
C ASP A 240 8.88 13.03 -2.22
N LYS A 241 10.02 13.70 -2.43
CA LYS A 241 10.72 13.53 -3.68
C LYS A 241 11.27 12.13 -3.80
N ILE A 242 11.88 11.62 -2.73
CA ILE A 242 12.38 10.25 -2.73
C ILE A 242 11.25 9.26 -3.07
N PHE A 243 10.12 9.42 -2.40
CA PHE A 243 8.95 8.59 -2.67
C PHE A 243 8.61 8.72 -4.15
N MET A 244 8.37 9.93 -4.61
CA MET A 244 8.00 10.13 -6.04
C MET A 244 9.06 9.61 -7.00
N ASP A 245 10.36 9.82 -6.72
CA ASP A 245 11.43 9.38 -7.68
C ASP A 245 11.68 7.91 -7.70
N THR A 246 11.42 7.25 -6.59
CA THR A 246 11.62 5.81 -6.51
C THR A 246 10.39 5.04 -6.98
N LEU A 247 9.33 5.74 -7.39
CA LEU A 247 8.21 5.03 -7.98
C LEU A 247 8.50 4.76 -9.46
N PRO A 248 8.61 3.47 -9.80
CA PRO A 248 8.80 3.06 -11.20
C PRO A 248 7.61 3.32 -12.18
N PHE A 249 6.87 4.43 -12.00
CA PHE A 249 5.73 4.78 -12.86
C PHE A 249 5.30 6.25 -12.69
N ALA B 13 -43.05 3.71 -8.95
CA ALA B 13 -42.60 4.74 -9.94
C ALA B 13 -42.07 4.09 -11.22
N ASN B 14 -42.20 4.82 -12.33
CA ASN B 14 -41.52 4.43 -13.57
C ASN B 14 -39.99 4.58 -13.52
N LEU B 15 -39.53 5.59 -12.80
CA LEU B 15 -38.10 5.73 -12.55
C LEU B 15 -37.58 4.53 -11.74
N LEU B 16 -38.22 4.26 -10.61
CA LEU B 16 -37.94 3.12 -9.77
C LEU B 16 -37.82 1.86 -10.63
N THR B 17 -38.80 1.65 -11.49
CA THR B 17 -38.83 0.46 -12.35
C THR B 17 -37.62 0.44 -13.28
N SER B 18 -37.25 1.59 -13.83
CA SER B 18 -36.12 1.61 -14.72
C SER B 18 -34.86 1.34 -13.97
N LEU B 19 -34.76 1.86 -12.75
CA LEU B 19 -33.59 1.60 -11.88
C LEU B 19 -33.50 0.11 -11.49
N VAL B 20 -34.66 -0.51 -11.17
CA VAL B 20 -34.70 -1.92 -10.84
C VAL B 20 -34.28 -2.75 -12.05
N ARG B 21 -34.81 -2.41 -13.21
CA ARG B 21 -34.51 -3.18 -14.42
C ARG B 21 -33.01 -3.07 -14.72
N ALA B 22 -32.47 -1.88 -14.53
CA ALA B 22 -31.07 -1.68 -14.83
C ALA B 22 -30.19 -2.48 -13.83
N HIS B 23 -30.51 -2.42 -12.54
CA HIS B 23 -29.79 -3.22 -11.54
C HIS B 23 -29.82 -4.72 -11.88
N LEU B 24 -31.02 -5.28 -11.99
CA LEU B 24 -31.16 -6.70 -12.31
C LEU B 24 -30.48 -7.14 -13.60
N ASP B 25 -30.49 -6.32 -14.64
CA ASP B 25 -29.83 -6.71 -15.89
C ASP B 25 -28.32 -6.60 -15.83
N SER B 26 -27.76 -5.99 -14.79
CA SER B 26 -26.30 -5.76 -14.75
C SER B 26 -25.59 -6.81 -13.93
N GLY B 27 -26.32 -7.80 -13.46
CA GLY B 27 -25.76 -8.81 -12.64
C GLY B 27 -26.33 -10.11 -13.09
N PRO B 28 -25.91 -11.17 -12.44
CA PRO B 28 -26.37 -12.46 -12.86
C PRO B 28 -27.54 -12.97 -12.02
N SER B 29 -28.46 -13.69 -12.68
CA SER B 29 -29.49 -14.52 -12.03
C SER B 29 -28.88 -15.78 -11.41
N THR B 30 -29.59 -16.36 -10.45
CA THR B 30 -29.11 -17.58 -9.83
C THR B 30 -28.69 -18.62 -10.90
N ALA B 31 -29.66 -19.33 -11.44
CA ALA B 31 -29.36 -20.16 -12.62
C ALA B 31 -28.68 -19.29 -13.68
N LYS B 32 -27.35 -19.44 -13.81
CA LYS B 32 -26.39 -18.69 -14.71
C LYS B 32 -25.17 -18.08 -13.91
N LEU B 33 -25.16 -18.36 -12.62
CA LEU B 33 -23.92 -18.46 -11.80
C LEU B 33 -22.97 -19.48 -12.42
N ASP B 34 -21.73 -19.04 -12.64
CA ASP B 34 -20.72 -19.82 -13.30
C ASP B 34 -19.74 -20.35 -12.26
N TYR B 35 -19.85 -21.67 -12.04
CA TYR B 35 -19.04 -22.37 -11.08
C TYR B 35 -17.85 -23.10 -11.70
N SER B 36 -17.54 -22.77 -12.95
CA SER B 36 -16.51 -23.54 -13.70
C SER B 36 -15.09 -23.34 -13.17
N LYS B 37 -14.88 -22.31 -12.35
CA LYS B 37 -13.55 -22.13 -11.75
C LYS B 37 -13.52 -22.29 -10.24
N PHE B 38 -14.69 -22.44 -9.64
CA PHE B 38 -14.82 -22.46 -8.21
C PHE B 38 -14.17 -23.69 -7.62
N GLN B 39 -13.41 -23.48 -6.55
CA GLN B 39 -12.83 -24.57 -5.79
C GLN B 39 -13.04 -24.29 -4.35
N GLU B 40 -13.65 -25.22 -3.64
CA GLU B 40 -14.02 -25.01 -2.27
C GLU B 40 -12.85 -25.05 -1.33
N LEU B 41 -11.72 -25.54 -1.81
CA LEU B 41 -10.51 -25.48 -1.00
C LEU B 41 -9.38 -25.36 -1.98
N VAL B 42 -8.52 -24.43 -1.74
CA VAL B 42 -7.35 -24.36 -2.53
C VAL B 42 -6.30 -24.04 -1.44
N LEU B 43 -5.05 -24.38 -1.69
CA LEU B 43 -4.00 -24.22 -0.71
C LEU B 43 -3.01 -23.19 -1.25
N PRO B 44 -3.08 -21.92 -0.76
CA PRO B 44 -2.13 -20.95 -1.29
C PRO B 44 -0.89 -20.72 -0.43
N HIS B 45 0.12 -20.13 -1.09
CA HIS B 45 1.23 -19.46 -0.44
C HIS B 45 0.72 -18.02 -0.17
N PHE B 46 0.44 -17.70 1.09
CA PHE B 46 -0.08 -16.37 1.48
C PHE B 46 1.01 -15.28 1.44
N GLY B 47 0.58 -14.02 1.21
CA GLY B 47 1.46 -12.83 1.18
C GLY B 47 2.29 -12.70 -0.10
N LYS B 48 1.87 -13.43 -1.12
CA LYS B 48 2.53 -13.45 -2.42
C LYS B 48 1.48 -13.75 -3.49
N GLU B 49 1.88 -13.59 -4.73
CA GLU B 49 0.99 -13.71 -5.85
C GLU B 49 1.82 -13.94 -7.08
N ASP B 50 1.21 -14.50 -8.11
CA ASP B 50 1.83 -14.59 -9.41
C ASP B 50 0.99 -13.88 -10.51
N ALA B 51 1.53 -13.90 -11.73
CA ALA B 51 0.97 -13.15 -12.85
C ALA B 51 -0.47 -13.54 -13.11
N GLY B 52 -0.83 -14.80 -12.98
CA GLY B 52 -2.22 -15.23 -13.23
C GLY B 52 -3.15 -14.60 -12.20
N ASP B 53 -2.73 -14.58 -10.94
CA ASP B 53 -3.54 -13.97 -9.90
C ASP B 53 -3.70 -12.49 -10.19
N VAL B 54 -2.62 -11.80 -10.59
CA VAL B 54 -2.75 -10.37 -10.82
C VAL B 54 -3.63 -10.10 -12.04
N GLN B 55 -3.44 -10.89 -13.10
CA GLN B 55 -4.24 -10.67 -14.30
C GLN B 55 -5.73 -10.85 -14.00
N GLN B 56 -6.07 -11.91 -13.28
CA GLN B 56 -7.47 -12.15 -12.93
C GLN B 56 -8.05 -10.94 -12.04
N PHE B 57 -7.30 -10.48 -11.07
CA PHE B 57 -7.70 -9.28 -10.28
C PHE B 57 -8.06 -8.11 -11.21
N TYR B 58 -7.16 -7.76 -12.11
CA TYR B 58 -7.43 -6.68 -13.07
C TYR B 58 -8.57 -6.98 -13.99
N ASP B 59 -8.63 -8.22 -14.48
CA ASP B 59 -9.75 -8.59 -15.36
C ASP B 59 -11.09 -8.43 -14.66
N LEU B 60 -11.16 -8.80 -13.40
CA LEU B 60 -12.42 -8.70 -12.64
C LEU B 60 -12.84 -7.23 -12.47
N LEU B 61 -11.88 -6.43 -12.11
CA LEU B 61 -12.06 -5.00 -12.01
C LEU B 61 -12.53 -4.41 -13.39
N SER B 62 -11.86 -4.78 -14.46
CA SER B 62 -12.25 -4.32 -15.83
C SER B 62 -13.63 -4.72 -16.30
N GLY B 63 -13.97 -5.97 -16.10
CA GLY B 63 -15.26 -6.42 -16.56
C GLY B 63 -16.37 -5.78 -15.78
N SER B 64 -16.08 -5.53 -14.52
CA SER B 64 -17.05 -4.89 -13.65
C SER B 64 -17.24 -3.44 -14.04
N LEU B 65 -16.16 -2.74 -14.39
CA LEU B 65 -16.31 -1.43 -14.96
C LEU B 65 -17.15 -1.41 -16.26
N GLU B 66 -16.90 -2.30 -17.20
CA GLU B 66 -17.77 -2.44 -18.41
C GLU B 66 -19.19 -2.67 -18.04
N VAL B 67 -19.44 -3.59 -17.10
CA VAL B 67 -20.81 -3.82 -16.69
C VAL B 67 -21.42 -2.56 -16.03
N ILE B 68 -20.63 -1.88 -15.23
CA ILE B 68 -21.17 -0.74 -14.52
C ILE B 68 -21.50 0.38 -15.50
N ARG B 69 -20.69 0.52 -16.54
CA ARG B 69 -20.95 1.45 -17.63
C ARG B 69 -22.26 1.17 -18.34
N LYS B 70 -22.59 -0.08 -18.60
CA LYS B 70 -23.89 -0.40 -19.24
C LYS B 70 -25.05 -0.20 -18.33
N TRP B 71 -24.82 -0.38 -17.05
CA TRP B 71 -25.90 -0.15 -16.07
C TRP B 71 -26.19 1.36 -15.99
N ALA B 72 -25.14 2.17 -16.00
CA ALA B 72 -25.31 3.62 -15.85
C ALA B 72 -26.06 4.17 -17.05
N GLU B 73 -25.71 3.66 -18.23
CA GLU B 73 -26.34 4.07 -19.47
C GLU B 73 -27.85 3.83 -19.44
N LYS B 74 -28.35 2.99 -18.54
CA LYS B 74 -29.78 2.76 -18.45
C LYS B 74 -30.43 3.54 -17.31
N ILE B 75 -29.67 4.32 -16.57
CA ILE B 75 -30.30 5.18 -15.59
C ILE B 75 -30.84 6.41 -16.37
N PRO B 76 -32.16 6.65 -16.29
CA PRO B 76 -32.75 7.68 -17.16
C PRO B 76 -32.17 9.05 -16.88
N GLY B 77 -31.72 9.73 -17.92
CA GLY B 77 -30.99 10.98 -17.73
C GLY B 77 -29.50 10.85 -17.84
N PHE B 78 -28.96 9.70 -17.49
CA PHE B 78 -27.51 9.59 -17.42
C PHE B 78 -26.81 9.74 -18.79
N ALA B 79 -27.42 9.16 -19.82
CA ALA B 79 -26.78 9.07 -21.14
C ALA B 79 -26.79 10.42 -21.79
N GLU B 80 -27.61 11.33 -21.23
CA GLU B 80 -27.66 12.67 -21.79
C GLU B 80 -26.76 13.64 -21.12
N LEU B 81 -26.09 13.24 -20.07
CA LEU B 81 -25.05 14.11 -19.50
C LEU B 81 -23.91 14.25 -20.50
N SER B 82 -23.11 15.30 -20.36
CA SER B 82 -22.00 15.41 -21.25
C SER B 82 -21.14 14.13 -21.14
N PRO B 83 -20.44 13.79 -22.21
CA PRO B 83 -19.59 12.60 -22.15
C PRO B 83 -18.53 12.71 -21.09
N ALA B 84 -17.88 13.88 -20.97
CA ALA B 84 -16.92 14.07 -19.90
C ALA B 84 -17.53 13.83 -18.50
N ASP B 85 -18.78 14.23 -18.28
CA ASP B 85 -19.39 14.12 -16.96
C ASP B 85 -19.78 12.68 -16.67
N GLN B 86 -20.21 12.01 -17.71
CA GLN B 86 -20.46 10.59 -17.63
C GLN B 86 -19.19 9.81 -17.17
N ASP B 87 -18.09 10.04 -17.85
CA ASP B 87 -16.86 9.42 -17.47
C ASP B 87 -16.37 9.76 -16.08
N LEU B 88 -16.49 11.04 -15.73
CA LEU B 88 -15.99 11.51 -14.46
C LEU B 88 -16.82 10.80 -13.36
N LEU B 89 -18.12 10.68 -13.55
CA LEU B 89 -18.97 10.05 -12.53
C LEU B 89 -18.64 8.59 -12.36
N LEU B 90 -18.48 7.90 -13.51
CA LEU B 90 -18.26 6.50 -13.54
C LEU B 90 -16.97 6.23 -12.85
N GLU B 91 -15.95 6.96 -13.28
CA GLU B 91 -14.63 6.78 -12.71
C GLU B 91 -14.53 7.12 -11.25
N SER B 92 -15.25 8.15 -10.80
CA SER B 92 -15.04 8.60 -9.47
C SER B 92 -15.80 7.60 -8.56
N ALA B 93 -16.84 6.94 -9.05
CA ALA B 93 -17.64 6.06 -8.27
C ALA B 93 -17.29 4.55 -8.45
N PHE B 94 -16.44 4.23 -9.42
CA PHE B 94 -16.21 2.80 -9.76
C PHE B 94 -15.88 1.87 -8.54
N LEU B 95 -14.84 2.21 -7.82
CA LEU B 95 -14.36 1.39 -6.70
C LEU B 95 -15.44 1.18 -5.68
N GLU B 96 -16.12 2.26 -5.34
CA GLU B 96 -17.19 2.18 -4.43
C GLU B 96 -18.31 1.33 -4.91
N LEU B 97 -18.66 1.46 -6.19
CA LEU B 97 -19.73 0.64 -6.75
C LEU B 97 -19.31 -0.84 -6.84
N PHE B 98 -18.09 -1.08 -7.28
CA PHE B 98 -17.57 -2.45 -7.40
C PHE B 98 -17.71 -3.14 -6.05
N ILE B 99 -17.31 -2.46 -4.99
CA ILE B 99 -17.30 -3.06 -3.69
C ILE B 99 -18.76 -3.26 -3.25
N LEU B 100 -19.59 -2.26 -3.49
CA LEU B 100 -20.93 -2.31 -2.95
C LEU B 100 -21.72 -3.39 -3.61
N ARG B 101 -21.64 -3.47 -4.90
CA ARG B 101 -22.31 -4.52 -5.62
C ARG B 101 -21.77 -5.89 -5.32
N LEU B 102 -20.45 -6.03 -5.16
CA LEU B 102 -19.85 -7.33 -4.88
C LEU B 102 -20.32 -7.81 -3.52
N ALA B 103 -20.32 -6.92 -2.55
CA ALA B 103 -20.78 -7.22 -1.24
C ALA B 103 -22.26 -7.61 -1.23
N TYR B 104 -23.07 -6.89 -1.99
CA TYR B 104 -24.51 -7.07 -1.91
C TYR B 104 -24.78 -8.41 -2.54
N ARG B 105 -24.04 -8.78 -3.56
CA ARG B 105 -24.36 -10.04 -4.21
C ARG B 105 -23.66 -11.32 -3.69
N SER B 106 -22.62 -11.16 -2.87
CA SER B 106 -21.80 -12.27 -2.44
C SER B 106 -22.45 -13.08 -1.31
N LYS B 107 -21.82 -14.20 -0.93
CA LYS B 107 -22.40 -15.16 0.04
C LYS B 107 -21.36 -15.44 1.06
N PRO B 108 -21.26 -14.54 2.03
CA PRO B 108 -20.21 -14.59 2.96
C PRO B 108 -20.27 -15.79 3.96
N GLY B 109 -21.45 -16.33 4.20
CA GLY B 109 -21.66 -17.54 5.06
C GLY B 109 -21.10 -18.79 4.38
N GLU B 110 -20.84 -18.70 3.08
CA GLU B 110 -20.08 -19.78 2.42
C GLU B 110 -18.67 -19.37 1.90
N GLY B 111 -18.14 -18.24 2.32
CA GLY B 111 -16.88 -17.76 1.68
C GLY B 111 -16.90 -17.54 0.17
N LYS B 112 -18.07 -17.29 -0.38
CA LYS B 112 -18.26 -17.11 -1.83
C LYS B 112 -18.37 -15.66 -2.30
N LEU B 113 -17.44 -15.29 -3.17
CA LEU B 113 -17.50 -14.02 -3.91
C LEU B 113 -18.16 -14.30 -5.22
N ILE B 114 -19.15 -13.51 -5.52
CA ILE B 114 -19.86 -13.64 -6.74
C ILE B 114 -19.72 -12.35 -7.54
N PHE B 115 -19.00 -12.44 -8.63
CA PHE B 115 -18.71 -11.29 -9.46
C PHE B 115 -19.78 -11.09 -10.55
N CYS B 116 -19.77 -9.93 -11.21
CA CYS B 116 -20.91 -9.54 -12.08
C CYS B 116 -21.04 -10.39 -13.35
N SER B 117 -19.98 -11.01 -13.81
CA SER B 117 -20.09 -12.01 -14.88
C SER B 117 -20.79 -13.27 -14.40
N GLY B 118 -21.07 -13.41 -13.11
CA GLY B 118 -21.71 -14.66 -12.61
C GLY B 118 -20.64 -15.62 -12.10
N LEU B 119 -19.38 -15.25 -12.33
CA LEU B 119 -18.24 -15.99 -11.86
C LEU B 119 -18.24 -16.06 -10.32
N VAL B 120 -18.17 -17.28 -9.82
CA VAL B 120 -18.11 -17.56 -8.40
C VAL B 120 -16.73 -18.05 -8.02
N LEU B 121 -16.18 -17.46 -6.96
CA LEU B 121 -14.86 -17.79 -6.53
C LEU B 121 -14.87 -17.87 -5.02
N HIS B 122 -14.04 -18.73 -4.47
CA HIS B 122 -13.95 -18.87 -3.03
C HIS B 122 -13.05 -17.78 -2.49
N ARG B 123 -13.27 -17.39 -1.24
CA ARG B 123 -12.35 -16.43 -0.62
C ARG B 123 -10.86 -16.74 -0.80
N LEU B 124 -10.51 -18.01 -0.60
CA LEU B 124 -9.12 -18.47 -0.72
C LEU B 124 -8.55 -18.36 -2.12
N GLN B 125 -9.39 -18.47 -3.13
CA GLN B 125 -8.97 -18.29 -4.49
C GLN B 125 -8.78 -16.81 -4.81
N CYS B 126 -9.35 -15.91 -3.99
CA CYS B 126 -9.18 -14.48 -4.27
C CYS B 126 -8.00 -13.88 -3.49
N ALA B 127 -7.50 -14.61 -2.52
CA ALA B 127 -6.54 -14.11 -1.57
C ALA B 127 -5.23 -13.65 -2.17
N ARG B 128 -4.79 -14.34 -3.18
CA ARG B 128 -3.52 -14.04 -3.81
C ARG B 128 -3.59 -12.73 -4.63
N GLY B 129 -4.62 -12.54 -5.43
CA GLY B 129 -4.78 -11.32 -6.24
C GLY B 129 -5.16 -10.09 -5.40
N PHE B 130 -6.19 -10.25 -4.61
CA PHE B 130 -6.80 -9.17 -3.84
C PHE B 130 -6.14 -8.86 -2.51
N GLY B 131 -5.39 -9.81 -1.96
CA GLY B 131 -4.86 -9.69 -0.57
C GLY B 131 -5.99 -9.65 0.47
N ASP B 132 -5.69 -9.11 1.63
CA ASP B 132 -6.65 -8.85 2.71
C ASP B 132 -7.97 -8.22 2.31
N TRP B 133 -7.90 -7.38 1.30
CA TRP B 133 -9.02 -6.55 0.89
C TRP B 133 -10.30 -7.41 0.69
N ILE B 134 -10.13 -8.59 0.12
CA ILE B 134 -11.29 -9.43 -0.11
C ILE B 134 -11.92 -9.93 1.20
N ASP B 135 -11.10 -10.16 2.22
CA ASP B 135 -11.67 -10.53 3.52
C ASP B 135 -12.45 -9.40 4.06
N SER B 136 -11.91 -8.19 3.94
CA SER B 136 -12.66 -7.00 4.43
C SER B 136 -13.93 -6.76 3.60
N ILE B 137 -13.89 -7.08 2.31
CA ILE B 137 -15.11 -6.94 1.50
C ILE B 137 -16.16 -7.94 1.97
N LEU B 138 -15.76 -9.16 2.30
CA LEU B 138 -16.72 -10.11 2.90
C LEU B 138 -17.33 -9.69 4.24
N ALA B 139 -16.51 -9.13 5.09
CA ALA B 139 -17.01 -8.57 6.35
C ALA B 139 -18.06 -7.55 6.06
N PHE B 140 -17.79 -6.71 5.06
CA PHE B 140 -18.74 -5.69 4.71
C PHE B 140 -20.01 -6.28 4.13
N SER B 141 -19.86 -7.38 3.41
CA SER B 141 -21.02 -8.10 2.93
C SER B 141 -21.93 -8.52 4.08
N ARG B 142 -21.35 -9.08 5.12
CA ARG B 142 -22.17 -9.51 6.31
C ARG B 142 -22.89 -8.31 6.92
N SER B 143 -22.15 -7.24 7.00
CA SER B 143 -22.67 -6.01 7.60
C SER B 143 -23.77 -5.41 6.74
N LEU B 144 -23.61 -5.40 5.43
CA LEU B 144 -24.70 -4.96 4.54
C LEU B 144 -25.91 -5.92 4.60
N HIS B 145 -25.66 -7.24 4.56
CA HIS B 145 -26.79 -8.21 4.60
C HIS B 145 -27.67 -8.09 5.85
N SER B 146 -27.09 -7.68 6.98
CA SER B 146 -27.82 -7.60 8.23
C SER B 146 -28.91 -6.51 8.19
N LEU B 147 -28.69 -5.51 7.35
CA LEU B 147 -29.70 -4.47 7.15
C LEU B 147 -30.89 -4.89 6.32
N LEU B 148 -30.76 -5.97 5.55
CA LEU B 148 -31.84 -6.38 4.70
C LEU B 148 -32.34 -5.23 3.79
N VAL B 149 -31.47 -4.77 2.91
CA VAL B 149 -31.81 -3.74 1.95
C VAL B 149 -32.44 -4.46 0.78
N ASP B 150 -33.72 -4.16 0.46
CA ASP B 150 -34.36 -4.82 -0.67
C ASP B 150 -33.82 -4.29 -2.01
N VAL B 151 -34.16 -4.96 -3.08
CA VAL B 151 -33.66 -4.61 -4.39
C VAL B 151 -34.00 -3.19 -4.89
N PRO B 152 -35.26 -2.75 -4.74
CA PRO B 152 -35.53 -1.40 -5.25
C PRO B 152 -34.73 -0.32 -4.49
N ALA B 153 -34.57 -0.53 -3.20
CA ALA B 153 -33.84 0.42 -2.40
C ALA B 153 -32.37 0.37 -2.80
N PHE B 154 -31.83 -0.82 -2.98
CA PHE B 154 -30.47 -0.95 -3.43
C PHE B 154 -30.29 -0.36 -4.83
N ALA B 155 -31.32 -0.50 -5.67
CA ALA B 155 -31.25 0.04 -7.01
C ALA B 155 -31.11 1.57 -6.95
N CYS B 156 -31.78 2.22 -6.01
CA CYS B 156 -31.67 3.65 -5.84
C CYS B 156 -30.35 4.06 -5.20
N LEU B 157 -29.97 3.33 -4.17
CA LEU B 157 -28.81 3.70 -3.39
C LEU B 157 -27.56 3.64 -4.24
N SER B 158 -27.44 2.62 -5.08
CA SER B 158 -26.28 2.47 -5.88
C SER B 158 -26.24 3.59 -6.91
N ALA B 159 -27.39 3.95 -7.44
CA ALA B 159 -27.45 5.02 -8.44
C ALA B 159 -27.08 6.33 -7.79
N LEU B 160 -27.43 6.51 -6.52
CA LEU B 160 -27.04 7.71 -5.75
C LEU B 160 -25.55 7.74 -5.46
N VAL B 161 -24.91 6.60 -5.40
CA VAL B 161 -23.44 6.57 -5.28
C VAL B 161 -22.81 7.13 -6.57
N LEU B 162 -23.45 6.90 -7.71
CA LEU B 162 -22.91 7.31 -9.02
C LEU B 162 -23.25 8.77 -9.28
N ILE B 163 -24.53 9.12 -9.13
CA ILE B 163 -25.03 10.42 -9.49
C ILE B 163 -24.92 11.34 -8.25
N THR B 164 -23.81 12.01 -8.17
CA THR B 164 -23.50 12.79 -7.04
C THR B 164 -22.49 13.85 -7.47
N ASP B 165 -22.34 14.89 -6.65
CA ASP B 165 -21.39 15.94 -6.92
C ASP B 165 -19.99 15.38 -7.02
N ARG B 166 -19.20 15.90 -7.97
CA ARG B 166 -17.78 15.65 -8.04
C ARG B 166 -17.07 16.93 -8.55
N HIS B 167 -15.89 17.18 -8.04
CA HIS B 167 -15.07 18.23 -8.54
C HIS B 167 -14.80 17.96 -10.02
N GLY B 168 -15.07 18.95 -10.85
CA GLY B 168 -14.79 18.89 -12.30
C GLY B 168 -15.99 18.58 -13.18
N LEU B 169 -17.17 18.44 -12.62
CA LEU B 169 -18.36 18.35 -13.45
C LEU B 169 -18.50 19.63 -14.30
N GLN B 170 -18.90 19.46 -15.54
CA GLN B 170 -19.17 20.57 -16.43
C GLN B 170 -20.58 21.12 -16.08
N GLU B 171 -21.51 20.23 -15.73
CA GLU B 171 -22.89 20.60 -15.46
C GLU B 171 -23.35 20.06 -14.09
N PRO B 172 -22.68 20.52 -13.02
CA PRO B 172 -23.05 20.06 -11.71
C PRO B 172 -24.54 20.17 -11.41
N ARG B 173 -25.27 21.15 -11.96
CA ARG B 173 -26.70 21.29 -11.55
C ARG B 173 -27.57 20.23 -12.23
N ARG B 174 -27.20 19.79 -13.45
CA ARG B 174 -27.98 18.69 -14.05
C ARG B 174 -27.79 17.42 -13.22
N VAL B 175 -26.59 17.24 -12.67
CA VAL B 175 -26.31 16.07 -11.87
C VAL B 175 -27.07 16.16 -10.56
N GLU B 176 -27.04 17.35 -9.91
CA GLU B 176 -27.85 17.59 -8.70
C GLU B 176 -29.31 17.33 -9.01
N GLU B 177 -29.79 17.78 -10.18
CA GLU B 177 -31.23 17.58 -10.48
C GLU B 177 -31.57 16.11 -10.55
N LEU B 178 -30.68 15.32 -11.16
CA LEU B 178 -30.94 13.91 -11.30
C LEU B 178 -30.81 13.27 -9.93
N GLN B 179 -29.81 13.67 -9.16
CA GLN B 179 -29.69 13.18 -7.76
C GLN B 179 -31.00 13.41 -7.01
N ASN B 180 -31.59 14.59 -7.15
CA ASN B 180 -32.85 14.91 -6.43
C ASN B 180 -33.94 13.93 -6.82
N ARG B 181 -34.08 13.69 -8.11
CA ARG B 181 -35.12 12.77 -8.58
C ARG B 181 -34.95 11.35 -8.01
N ILE B 182 -33.71 10.87 -7.93
CA ILE B 182 -33.50 9.50 -7.48
C ILE B 182 -33.76 9.42 -5.98
N ALA B 183 -33.30 10.42 -5.27
CA ALA B 183 -33.61 10.51 -3.84
C ALA B 183 -35.16 10.46 -3.56
N SER B 184 -35.93 11.23 -4.31
CA SER B 184 -37.40 11.23 -4.15
C SER B 184 -37.98 9.86 -4.45
N CYS B 185 -37.48 9.24 -5.49
CA CYS B 185 -37.87 7.89 -5.84
C CYS B 185 -37.58 6.91 -4.69
N LEU B 186 -36.41 7.02 -4.10
CA LEU B 186 -36.09 6.17 -2.96
C LEU B 186 -37.02 6.45 -1.78
N LYS B 187 -37.13 7.70 -1.37
CA LYS B 187 -38.04 8.12 -0.25
C LYS B 187 -39.44 7.52 -0.39
N GLU B 188 -40.01 7.73 -1.57
CA GLU B 188 -41.35 7.22 -1.90
C GLU B 188 -41.43 5.71 -1.78
N HIS B 189 -40.45 4.99 -2.33
CA HIS B 189 -40.40 3.53 -2.12
C HIS B 189 -40.30 3.07 -0.66
N VAL B 190 -39.50 3.74 0.19
CA VAL B 190 -39.39 3.29 1.59
C VAL B 190 -40.67 3.63 2.38
N ALA B 191 -41.49 4.57 1.91
CA ALA B 191 -42.83 4.81 2.49
C ALA B 191 -43.83 3.73 2.03
N ALA B 192 -43.86 3.46 0.73
CA ALA B 192 -44.73 2.41 0.17
C ALA B 192 -44.55 1.08 0.91
N VAL B 193 -43.30 0.63 0.95
CA VAL B 193 -43.00 -0.66 1.52
C VAL B 193 -43.01 -0.60 3.05
N ALA B 194 -42.86 0.60 3.61
CA ALA B 194 -43.09 0.77 5.05
C ALA B 194 -44.51 0.36 5.38
N GLY B 195 -45.45 0.78 4.53
CA GLY B 195 -46.88 0.65 4.74
C GLY B 195 -47.56 2.00 4.52
N SER B 201 -35.22 5.21 9.49
CA SER B 201 -34.07 4.78 10.30
C SER B 201 -33.10 3.87 9.51
N CYS B 202 -33.64 3.00 8.63
CA CYS B 202 -32.82 2.16 7.73
C CYS B 202 -31.72 3.04 7.13
N LEU B 203 -32.14 4.23 6.67
CA LEU B 203 -31.24 5.14 6.01
C LEU B 203 -30.08 5.57 6.91
N SER B 204 -30.38 6.02 8.11
CA SER B 204 -29.29 6.40 9.02
C SER B 204 -28.41 5.20 9.42
N ARG B 205 -29.01 4.00 9.44
CA ARG B 205 -28.24 2.79 9.77
C ARG B 205 -27.32 2.45 8.59
N LEU B 206 -27.81 2.61 7.36
CA LEU B 206 -27.02 2.51 6.14
C LEU B 206 -25.86 3.50 6.10
N LEU B 207 -26.18 4.76 6.33
CA LEU B 207 -25.13 5.80 6.37
C LEU B 207 -24.08 5.54 7.44
N GLY B 208 -24.49 4.90 8.51
CA GLY B 208 -23.54 4.44 9.52
C GLY B 208 -22.49 3.43 9.05
N LYS B 209 -22.73 2.76 7.91
CA LYS B 209 -21.78 1.83 7.26
C LYS B 209 -20.90 2.52 6.19
N LEU B 210 -21.21 3.77 5.86
CA LEU B 210 -20.39 4.53 4.91
C LEU B 210 -18.89 4.58 5.19
N PRO B 211 -18.49 4.82 6.46
CA PRO B 211 -17.05 4.83 6.79
C PRO B 211 -16.36 3.51 6.51
N GLU B 212 -17.08 2.41 6.70
CA GLU B 212 -16.55 1.10 6.35
C GLU B 212 -16.33 1.02 4.80
N LEU B 213 -17.29 1.48 4.00
CA LEU B 213 -17.14 1.52 2.52
C LEU B 213 -15.98 2.40 2.06
N ARG B 214 -15.84 3.57 2.68
CA ARG B 214 -14.73 4.48 2.39
C ARG B 214 -13.43 3.81 2.67
N THR B 215 -13.31 3.18 3.83
CA THR B 215 -12.09 2.51 4.18
C THR B 215 -11.81 1.43 3.13
N LEU B 216 -12.86 0.76 2.66
CA LEU B 216 -12.66 -0.30 1.66
C LEU B 216 -12.18 0.23 0.32
N CYS B 217 -12.66 1.42 -0.04
CA CYS B 217 -12.18 2.06 -1.29
C CYS B 217 -10.70 2.34 -1.20
N THR B 218 -10.33 2.91 -0.06
CA THR B 218 -8.94 3.11 0.24
C THR B 218 -8.12 1.83 0.21
N GLN B 219 -8.58 0.76 0.87
CA GLN B 219 -7.84 -0.51 0.82
C GLN B 219 -7.63 -0.97 -0.61
N GLY B 220 -8.62 -0.72 -1.46
CA GLY B 220 -8.54 -1.07 -2.90
C GLY B 220 -7.46 -0.26 -3.55
N LEU B 221 -7.40 1.03 -3.24
CA LEU B 221 -6.34 1.87 -3.80
C LEU B 221 -4.95 1.35 -3.34
N GLN B 222 -4.85 0.93 -2.07
CA GLN B 222 -3.54 0.40 -1.57
C GLN B 222 -3.16 -0.89 -2.28
N ARG B 223 -4.13 -1.73 -2.61
CA ARG B 223 -3.80 -2.97 -3.25
C ARG B 223 -3.34 -2.66 -4.69
N ILE B 224 -4.00 -1.72 -5.35
CA ILE B 224 -3.56 -1.37 -6.71
C ILE B 224 -2.16 -0.75 -6.65
N PHE B 225 -1.92 0.11 -5.66
CA PHE B 225 -0.57 0.66 -5.49
C PHE B 225 0.45 -0.41 -5.36
N TYR B 226 0.19 -1.34 -4.46
CA TYR B 226 1.12 -2.40 -4.21
C TYR B 226 1.36 -3.26 -5.45
N LEU B 227 0.30 -3.59 -6.19
CA LEU B 227 0.47 -4.41 -7.38
C LEU B 227 1.20 -3.64 -8.50
N LYS B 228 1.01 -2.33 -8.54
CA LYS B 228 1.74 -1.52 -9.52
C LYS B 228 3.22 -1.46 -9.16
N LEU B 229 3.50 -1.41 -7.87
CA LEU B 229 4.87 -1.48 -7.43
C LEU B 229 5.47 -2.77 -7.89
N GLU B 230 4.76 -3.84 -7.69
CA GLU B 230 5.25 -5.15 -7.95
C GLU B 230 5.38 -5.35 -9.48
N ASP B 231 4.42 -4.82 -10.22
CA ASP B 231 4.49 -4.76 -11.68
C ASP B 231 4.57 -6.10 -12.39
N LEU B 232 4.00 -7.14 -11.82
CA LEU B 232 3.97 -8.43 -12.48
C LEU B 232 3.30 -8.32 -13.83
N VAL B 233 2.15 -7.68 -13.88
CA VAL B 233 1.49 -7.35 -15.14
C VAL B 233 0.98 -5.92 -15.05
N PRO B 234 0.94 -5.22 -16.18
CA PRO B 234 0.50 -3.84 -16.10
C PRO B 234 -1.00 -3.77 -15.85
N PRO B 235 -1.47 -2.72 -15.17
CA PRO B 235 -2.89 -2.58 -15.04
C PRO B 235 -3.50 -2.19 -16.38
N PRO B 236 -4.74 -2.53 -16.62
CA PRO B 236 -5.40 -2.01 -17.79
C PRO B 236 -5.49 -0.48 -17.69
N PRO B 237 -5.45 0.19 -18.84
CA PRO B 237 -5.22 1.65 -18.83
C PRO B 237 -6.27 2.45 -18.09
N ILE B 238 -7.51 2.05 -18.28
CA ILE B 238 -8.61 2.75 -17.65
C ILE B 238 -8.61 2.58 -16.10
N ILE B 239 -8.22 1.39 -15.60
CA ILE B 239 -8.10 1.22 -14.14
C ILE B 239 -6.99 2.09 -13.68
N ASP B 240 -5.89 2.03 -14.42
CA ASP B 240 -4.72 2.85 -14.09
C ASP B 240 -5.09 4.34 -14.02
N LYS B 241 -5.97 4.79 -14.91
CA LYS B 241 -6.32 6.19 -14.94
C LYS B 241 -7.13 6.54 -13.71
N ILE B 242 -8.08 5.67 -13.39
CA ILE B 242 -8.91 5.89 -12.21
C ILE B 242 -8.04 5.99 -10.98
N PHE B 243 -7.09 5.08 -10.88
CA PHE B 243 -6.18 5.08 -9.73
C PHE B 243 -5.46 6.43 -9.74
N MET B 244 -4.79 6.75 -10.84
CA MET B 244 -4.05 8.04 -10.91
C MET B 244 -4.97 9.25 -10.65
N ASP B 245 -6.21 9.27 -11.16
CA ASP B 245 -7.09 10.46 -11.02
C ASP B 245 -7.63 10.63 -9.63
N THR B 246 -7.77 9.54 -8.91
CA THR B 246 -8.22 9.63 -7.51
C THR B 246 -7.15 10.18 -6.55
N LEU B 247 -5.89 10.18 -6.98
CA LEU B 247 -4.84 10.63 -6.07
C LEU B 247 -4.71 12.16 -5.91
N PRO B 248 -4.81 12.69 -4.66
CA PRO B 248 -4.55 14.14 -4.44
C PRO B 248 -3.06 14.58 -4.58
N PHE B 249 -2.31 14.00 -5.53
CA PHE B 249 -0.89 14.32 -5.75
C PHE B 249 -0.32 13.77 -7.09
#